data_1JHI
#
_entry.id   1JHI
#
_cell.length_a   ?
_cell.length_b   ?
_cell.length_c   ?
_cell.angle_alpha   ?
_cell.angle_beta   ?
_cell.angle_gamma   ?
#
loop_
_entity.id
_entity.type
_entity.pdbx_description
1 polymer "5'-D(*AP*CP*CP*(HEH)GP*GP*T)-3'"
2 non-polymer HEDAMYCIN
#
_entity_poly.entity_id   1
_entity_poly.type   'polydeoxyribonucleotide'
_entity_poly.pdbx_seq_one_letter_code
;(DA)(DC)(DC)(DG)(DG)(DT)
;
_entity_poly.pdbx_strand_id   A,B
#